data_5HRE
#
_entry.id   5HRE
#
_cell.length_a   64.144
_cell.length_b   88.785
_cell.length_c   43.349
_cell.angle_alpha   90.00
_cell.angle_beta   94.61
_cell.angle_gamma   90.00
#
_symmetry.space_group_name_H-M   'C 1 2 1'
#
loop_
_entity.id
_entity.type
_entity.pdbx_description
1 polymer 'DNA polymerase beta-like protein'
2 polymer "DNA (5'-D(P*AP*GP*GP*AP*TP*CP*CP*T)-3')"
3 non-polymer 'MANGANESE (II) ION'
4 non-polymer 'FORMIC ACID'
5 non-polymer 'PHOSPHATE ION'
6 water water
#
loop_
_entity_poly.entity_id
_entity_poly.type
_entity_poly.pdbx_seq_one_letter_code
_entity_poly.pdbx_strand_id
1 'polypeptide(L)'
;SGGGMLTLIQGKKIVNHLRSRLAFEYNGQLIKILSKNIVAVGSLRREEKMLNDVDLLIIVPEKKLLKHVLPNIRIKGLSF
SVKVCGERKCVLFIEWEKKTYQLDLFTALAEEKPYAIFHFTGPVSYLIRIRAALKKKNYKLNQYGLFKNQTLVPLKITTE
KELIKELGFTYRIPKKRL
;
A
2 'polydeoxyribonucleotide' (DG)(DA)(DG)(DG)(DA)(DT)(DC)(DC)(DT) B
#
loop_
_chem_comp.id
_chem_comp.type
_chem_comp.name
_chem_comp.formula
DA DNA linking 2'-DEOXYADENOSINE-5'-MONOPHOSPHATE 'C10 H14 N5 O6 P'
DC DNA linking 2'-DEOXYCYTIDINE-5'-MONOPHOSPHATE 'C9 H14 N3 O7 P'
DG DNA linking 2'-DEOXYGUANOSINE-5'-MONOPHOSPHATE 'C10 H14 N5 O7 P'
DT DNA linking THYMIDINE-5'-MONOPHOSPHATE 'C10 H15 N2 O8 P'
FMT non-polymer 'FORMIC ACID' 'C H2 O2'
MN non-polymer 'MANGANESE (II) ION' 'Mn 2'
PO4 non-polymer 'PHOSPHATE ION' 'O4 P -3'
#
# COMPACT_ATOMS: atom_id res chain seq x y z
N GLY A 2 3.91 -15.86 10.65
CA GLY A 2 2.55 -16.48 10.58
C GLY A 2 2.21 -17.07 9.21
N GLY A 3 2.56 -16.34 8.15
CA GLY A 3 2.27 -16.78 6.79
C GLY A 3 3.45 -17.46 6.13
N GLY A 4 3.16 -18.34 5.18
CA GLY A 4 4.20 -19.05 4.43
C GLY A 4 4.82 -18.18 3.35
N MET A 5 5.94 -18.64 2.80
CA MET A 5 6.61 -17.96 1.70
C MET A 5 5.84 -18.19 0.39
N LEU A 6 5.77 -17.16 -0.43
CA LEU A 6 5.15 -17.22 -1.75
C LEU A 6 6.20 -16.91 -2.80
N THR A 7 6.09 -17.55 -3.96
CA THR A 7 6.87 -17.12 -5.12
C THR A 7 6.26 -15.83 -5.67
N LEU A 8 7.03 -15.09 -6.46
CA LEU A 8 6.50 -13.88 -7.10
C LEU A 8 5.27 -14.19 -7.95
N ILE A 9 5.29 -15.29 -8.69
CA ILE A 9 4.17 -15.66 -9.56
C ILE A 9 2.94 -16.02 -8.73
N GLN A 10 3.13 -16.74 -7.63
CA GLN A 10 2.03 -17.07 -6.72
C GLN A 10 1.43 -15.79 -6.13
N GLY A 11 2.29 -14.87 -5.71
CA GLY A 11 1.86 -13.55 -5.23
C GLY A 11 1.01 -12.81 -6.26
N LYS A 12 1.48 -12.78 -7.51
CA LYS A 12 0.74 -12.13 -8.58
C LYS A 12 -0.61 -12.80 -8.85
N LYS A 13 -0.65 -14.13 -8.73
CA LYS A 13 -1.90 -14.86 -8.87
C LYS A 13 -2.90 -14.45 -7.79
N ILE A 14 -2.42 -14.31 -6.55
CA ILE A 14 -3.25 -13.87 -5.44
C ILE A 14 -3.75 -12.43 -5.63
N VAL A 15 -2.87 -11.53 -6.08
CA VAL A 15 -3.29 -10.16 -6.36
C VAL A 15 -4.37 -10.13 -7.44
N ASN A 16 -4.16 -10.88 -8.53
CA ASN A 16 -5.14 -10.97 -9.60
C ASN A 16 -6.50 -11.46 -9.10
N HIS A 17 -6.49 -12.48 -8.24
CA HIS A 17 -7.71 -13.02 -7.62
C HIS A 17 -8.43 -11.95 -6.78
N LEU A 18 -7.67 -11.23 -5.96
CA LEU A 18 -8.23 -10.26 -5.02
C LEU A 18 -8.80 -8.99 -5.69
N ARG A 19 -8.29 -8.65 -6.87
CA ARG A 19 -8.67 -7.38 -7.54
C ARG A 19 -10.16 -7.16 -7.73
N SER A 20 -10.92 -8.24 -7.94
CA SER A 20 -12.35 -8.15 -8.19
C SER A 20 -13.18 -8.58 -6.98
N ARG A 21 -12.51 -8.92 -5.87
CA ARG A 21 -13.15 -9.59 -4.75
C ARG A 21 -13.04 -8.86 -3.40
N LEU A 22 -12.52 -7.64 -3.41
CA LEU A 22 -12.40 -6.86 -2.17
C LEU A 22 -13.61 -5.96 -1.98
N ALA A 23 -14.12 -5.92 -0.75
CA ALA A 23 -15.25 -5.07 -0.39
C ALA A 23 -15.15 -4.71 1.08
N PHE A 24 -16.02 -3.81 1.52
CA PHE A 24 -16.12 -3.49 2.94
C PHE A 24 -17.58 -3.25 3.34
N GLU A 25 -17.92 -3.62 4.56
CA GLU A 25 -19.29 -3.51 5.06
C GLU A 25 -19.51 -2.13 5.69
N TYR A 26 -20.51 -1.41 5.20
CA TYR A 26 -20.79 -0.04 5.62
C TYR A 26 -22.31 0.16 5.77
N ASN A 27 -22.76 0.48 6.97
CA ASN A 27 -24.20 0.63 7.26
C ASN A 27 -25.02 -0.54 6.71
N GLY A 28 -24.59 -1.76 7.00
CA GLY A 28 -25.31 -2.97 6.59
C GLY A 28 -25.26 -3.31 5.11
N GLN A 29 -24.41 -2.62 4.36
CA GLN A 29 -24.25 -2.84 2.92
C GLN A 29 -22.82 -3.23 2.60
N LEU A 30 -22.65 -4.19 1.70
CA LEU A 30 -21.32 -4.56 1.21
C LEU A 30 -20.96 -3.68 0.01
N ILE A 31 -19.98 -2.80 0.20
CA ILE A 31 -19.53 -1.90 -0.85
C ILE A 31 -18.28 -2.48 -1.50
N LYS A 32 -18.35 -2.75 -2.80
CA LYS A 32 -17.22 -3.30 -3.54
C LYS A 32 -16.12 -2.25 -3.74
N ILE A 33 -14.88 -2.68 -3.56
CA ILE A 33 -13.72 -1.84 -3.83
C ILE A 33 -13.32 -2.04 -5.29
N LEU A 34 -13.05 -0.94 -6.00
CA LEU A 34 -12.75 -1.01 -7.43
C LEU A 34 -11.30 -1.37 -7.69
N SER A 35 -11.07 -2.23 -8.68
CA SER A 35 -9.74 -2.67 -9.09
C SER A 35 -8.78 -1.50 -9.34
N LYS A 36 -9.27 -0.41 -9.95
CA LYS A 36 -8.46 0.80 -10.21
C LYS A 36 -7.91 1.47 -8.93
N ASN A 37 -8.57 1.23 -7.80
CA ASN A 37 -8.15 1.75 -6.51
C ASN A 37 -7.36 0.74 -5.69
N ILE A 38 -6.89 -0.34 -6.33
CA ILE A 38 -6.06 -1.34 -5.69
C ILE A 38 -4.70 -1.36 -6.39
N VAL A 39 -3.65 -1.10 -5.63
CA VAL A 39 -2.30 -1.01 -6.17
C VAL A 39 -1.40 -1.99 -5.44
N ALA A 40 -0.76 -2.90 -6.19
CA ALA A 40 0.21 -3.80 -5.60
C ALA A 40 1.47 -3.00 -5.26
N VAL A 41 1.92 -3.13 -4.02
CA VAL A 41 3.10 -2.40 -3.54
C VAL A 41 4.07 -3.37 -2.88
N GLY A 42 4.98 -2.88 -2.04
CA GLY A 42 5.92 -3.74 -1.35
C GLY A 42 6.83 -4.52 -2.28
N SER A 43 7.34 -5.64 -1.79
CA SER A 43 8.35 -6.41 -2.53
C SER A 43 7.80 -7.04 -3.82
N LEU A 44 6.49 -7.30 -3.88
CA LEU A 44 5.86 -7.76 -5.12
C LEU A 44 6.06 -6.71 -6.24
N ARG A 45 5.81 -5.44 -5.94
CA ARG A 45 6.03 -4.38 -6.93
C ARG A 45 7.51 -4.29 -7.34
N ARG A 46 8.41 -4.59 -6.40
CA ARG A 46 9.86 -4.57 -6.67
C ARG A 46 10.36 -5.86 -7.33
N GLU A 47 9.46 -6.78 -7.66
CA GLU A 47 9.79 -8.00 -8.41
C GLU A 47 10.74 -8.93 -7.67
N GLU A 48 10.66 -8.96 -6.34
CA GLU A 48 11.47 -9.90 -5.56
C GLU A 48 11.01 -11.31 -5.88
N LYS A 49 11.95 -12.25 -5.95
CA LYS A 49 11.64 -13.61 -6.41
C LYS A 49 10.78 -14.39 -5.41
N MET A 50 10.99 -14.14 -4.13
CA MET A 50 10.22 -14.78 -3.07
C MET A 50 9.66 -13.70 -2.17
N LEU A 51 8.44 -13.91 -1.68
CA LEU A 51 7.72 -12.91 -0.88
C LEU A 51 7.36 -13.47 0.50
N ASN A 52 7.49 -12.64 1.53
CA ASN A 52 7.09 -13.02 2.89
C ASN A 52 5.61 -12.73 3.10
N ASP A 53 5.04 -11.92 2.21
CA ASP A 53 3.67 -11.45 2.29
C ASP A 53 3.32 -10.71 1.01
N VAL A 54 2.04 -10.40 0.84
CA VAL A 54 1.56 -9.62 -0.29
C VAL A 54 1.02 -8.28 0.23
N ASP A 55 1.47 -7.18 -0.37
CA ASP A 55 1.07 -5.83 0.04
C ASP A 55 0.17 -5.16 -0.99
N LEU A 56 -1.03 -4.76 -0.56
CA LEU A 56 -1.96 -4.01 -1.41
C LEU A 56 -2.24 -2.64 -0.78
N LEU A 57 -2.22 -1.60 -1.63
CA LEU A 57 -2.64 -0.26 -1.23
C LEU A 57 -4.02 0.00 -1.81
N ILE A 58 -4.96 0.37 -0.94
CA ILE A 58 -6.33 0.66 -1.35
C ILE A 58 -6.53 2.17 -1.28
N ILE A 59 -6.97 2.74 -2.39
CA ILE A 59 -7.25 4.18 -2.46
C ILE A 59 -8.71 4.42 -2.08
N VAL A 60 -8.91 5.17 -0.99
CA VAL A 60 -10.24 5.40 -0.41
C VAL A 60 -10.75 6.79 -0.86
N PRO A 61 -11.93 6.83 -1.51
CA PRO A 61 -12.42 8.08 -2.13
C PRO A 61 -12.88 9.18 -1.17
N GLU A 62 -13.24 8.81 0.06
CA GLU A 62 -13.73 9.77 1.06
C GLU A 62 -13.08 9.56 2.42
N LYS A 63 -12.63 10.64 3.04
CA LYS A 63 -11.99 10.61 4.36
C LYS A 63 -12.87 9.91 5.39
N LYS A 64 -14.18 10.18 5.33
CA LYS A 64 -15.13 9.61 6.29
C LYS A 64 -15.23 8.09 6.22
N LEU A 65 -14.86 7.51 5.08
CA LEU A 65 -14.91 6.04 4.91
C LEU A 65 -13.73 5.28 5.52
N LEU A 66 -12.65 5.97 5.88
CA LEU A 66 -11.50 5.31 6.51
C LEU A 66 -11.91 4.53 7.76
N LYS A 67 -12.84 5.09 8.54
CA LYS A 67 -13.42 4.40 9.69
C LYS A 67 -13.95 2.99 9.35
N HIS A 68 -14.43 2.81 8.11
CA HIS A 68 -15.22 1.64 7.75
C HIS A 68 -14.53 0.61 6.86
N VAL A 69 -13.50 1.02 6.11
CA VAL A 69 -12.97 0.16 5.04
C VAL A 69 -12.19 -1.05 5.57
N LEU A 70 -10.99 -0.84 6.10
CA LEU A 70 -10.20 -1.98 6.58
C LEU A 70 -10.83 -2.69 7.79
N PRO A 71 -11.40 -1.92 8.74
CA PRO A 71 -12.04 -2.58 9.89
C PRO A 71 -13.22 -3.50 9.54
N ASN A 72 -13.83 -3.30 8.38
CA ASN A 72 -14.90 -4.20 7.91
C ASN A 72 -14.55 -4.79 6.54
N ILE A 73 -13.28 -5.09 6.33
CA ILE A 73 -12.83 -5.63 5.05
C ILE A 73 -13.43 -7.01 4.79
N ARG A 74 -13.79 -7.27 3.54
CA ARG A 74 -14.37 -8.54 3.12
C ARG A 74 -13.68 -9.00 1.86
N ILE A 75 -13.46 -10.31 1.76
CA ILE A 75 -12.85 -10.93 0.58
C ILE A 75 -13.75 -12.08 0.13
N LYS A 76 -14.39 -11.91 -1.03
CA LYS A 76 -15.40 -12.84 -1.52
C LYS A 76 -14.85 -14.26 -1.69
N GLY A 77 -15.44 -15.22 -0.99
CA GLY A 77 -15.09 -16.64 -1.14
C GLY A 77 -13.80 -17.09 -0.47
N LEU A 78 -13.09 -16.17 0.19
CA LEU A 78 -11.80 -16.48 0.81
C LEU A 78 -11.89 -16.39 2.32
N SER A 79 -11.48 -17.45 3.01
CA SER A 79 -11.42 -17.45 4.47
C SER A 79 -10.16 -16.75 4.94
N PHE A 80 -10.26 -15.96 6.00
CA PHE A 80 -9.10 -15.29 6.58
C PHE A 80 -9.30 -14.95 8.06
N SER A 81 -8.20 -14.75 8.77
CA SER A 81 -8.21 -14.22 10.13
C SER A 81 -7.50 -12.87 10.15
N VAL A 82 -7.81 -12.04 11.14
CA VAL A 82 -7.22 -10.71 11.27
C VAL A 82 -6.13 -10.74 12.35
N LYS A 83 -4.90 -10.40 11.98
CA LYS A 83 -3.80 -10.32 12.95
C LYS A 83 -3.89 -9.01 13.72
N VAL A 84 -3.76 -7.91 13.00
CA VAL A 84 -3.98 -6.56 13.54
C VAL A 84 -4.73 -5.76 12.50
N CYS A 85 -5.51 -4.76 12.94
CA CYS A 85 -6.28 -3.94 12.00
C CYS A 85 -6.65 -2.59 12.59
N GLY A 86 -6.57 -1.56 11.75
CA GLY A 86 -7.12 -0.23 12.06
C GLY A 86 -7.49 0.42 10.75
N GLU A 87 -7.60 1.74 10.77
CA GLU A 87 -8.01 2.48 9.58
C GLU A 87 -6.95 2.53 8.48
N ARG A 88 -5.67 2.37 8.84
CA ARG A 88 -4.56 2.55 7.88
C ARG A 88 -3.74 1.30 7.56
N LYS A 89 -3.74 0.32 8.47
CA LYS A 89 -3.07 -0.95 8.24
C LYS A 89 -3.92 -2.11 8.76
N CYS A 90 -4.00 -3.17 7.96
CA CYS A 90 -4.76 -4.36 8.33
C CYS A 90 -3.99 -5.56 7.80
N VAL A 91 -3.56 -6.43 8.71
CA VAL A 91 -2.78 -7.61 8.37
C VAL A 91 -3.67 -8.84 8.51
N LEU A 92 -3.86 -9.54 7.42
CA LEU A 92 -4.72 -10.72 7.40
C LEU A 92 -3.89 -11.95 7.14
N PHE A 93 -4.34 -13.08 7.68
CA PHE A 93 -3.79 -14.37 7.30
C PHE A 93 -4.86 -15.07 6.47
N ILE A 94 -4.61 -15.19 5.16
CA ILE A 94 -5.59 -15.74 4.23
C ILE A 94 -5.35 -17.22 3.96
N GLU A 95 -6.42 -17.96 3.68
CA GLU A 95 -6.31 -19.36 3.27
C GLU A 95 -6.34 -19.40 1.74
N TRP A 96 -5.28 -19.96 1.15
CA TRP A 96 -5.13 -20.02 -0.30
C TRP A 96 -4.57 -21.38 -0.70
N GLU A 97 -5.35 -22.16 -1.44
CA GLU A 97 -4.93 -23.48 -1.93
C GLU A 97 -4.36 -24.34 -0.79
N LYS A 98 -5.05 -24.36 0.34
CA LYS A 98 -4.68 -25.17 1.50
C LYS A 98 -3.38 -24.72 2.20
N LYS A 99 -3.02 -23.45 2.05
CA LYS A 99 -1.90 -22.85 2.78
C LYS A 99 -2.28 -21.47 3.31
N THR A 100 -1.57 -21.02 4.33
CA THR A 100 -1.83 -19.72 4.95
C THR A 100 -0.76 -18.70 4.54
N TYR A 101 -1.21 -17.54 4.08
CA TYR A 101 -0.30 -16.46 3.67
C TYR A 101 -0.70 -15.13 4.29
N GLN A 102 0.28 -14.25 4.43
CA GLN A 102 0.07 -12.93 5.00
C GLN A 102 -0.27 -11.93 3.90
N LEU A 103 -1.42 -11.26 4.06
CA LEU A 103 -1.85 -10.20 3.16
C LEU A 103 -1.89 -8.91 3.97
N ASP A 104 -1.06 -7.96 3.58
CA ASP A 104 -1.02 -6.65 4.23
C ASP A 104 -1.85 -5.66 3.41
N LEU A 105 -2.86 -5.07 4.05
CA LEU A 105 -3.67 -4.05 3.40
C LEU A 105 -3.40 -2.69 4.03
N PHE A 106 -3.25 -1.68 3.19
CA PHE A 106 -3.02 -0.30 3.64
C PHE A 106 -3.96 0.61 2.88
N THR A 107 -4.32 1.75 3.47
CA THR A 107 -5.19 2.71 2.80
C THR A 107 -4.54 4.07 2.60
N ALA A 108 -4.88 4.72 1.49
CA ALA A 108 -4.49 6.10 1.24
C ALA A 108 -5.66 6.87 0.66
N LEU A 109 -5.74 8.16 0.98
CA LEU A 109 -6.69 9.05 0.33
C LEU A 109 -6.11 9.53 -1.01
N ALA A 110 -6.98 10.01 -1.90
CA ALA A 110 -6.56 10.43 -3.24
C ALA A 110 -5.39 11.42 -3.20
N GLU A 111 -5.49 12.43 -2.34
CA GLU A 111 -4.43 13.43 -2.21
C GLU A 111 -3.10 12.85 -1.70
N GLU A 112 -3.16 11.68 -1.05
CA GLU A 112 -1.95 11.03 -0.52
C GLU A 112 -1.33 10.05 -1.52
N LYS A 113 -2.04 9.73 -2.60
CA LYS A 113 -1.73 8.57 -3.42
C LYS A 113 -0.26 8.44 -3.86
N PRO A 114 0.31 9.49 -4.49
CA PRO A 114 1.71 9.35 -4.92
C PRO A 114 2.70 9.13 -3.76
N TYR A 115 2.44 9.77 -2.63
CA TYR A 115 3.29 9.64 -1.45
C TYR A 115 3.17 8.22 -0.87
N ALA A 116 1.95 7.67 -0.88
CA ALA A 116 1.68 6.32 -0.37
C ALA A 116 2.32 5.24 -1.26
N ILE A 117 2.19 5.39 -2.57
CA ILE A 117 2.80 4.45 -3.52
C ILE A 117 4.31 4.44 -3.29
N PHE A 118 4.90 5.64 -3.19
CA PHE A 118 6.33 5.79 -2.99
C PHE A 118 6.78 5.13 -1.69
N HIS A 119 6.08 5.44 -0.60
CA HIS A 119 6.36 4.86 0.71
C HIS A 119 6.23 3.34 0.72
N PHE A 120 5.07 2.83 0.30
CA PHE A 120 4.79 1.40 0.44
C PHE A 120 5.56 0.53 -0.55
N THR A 121 6.13 1.14 -1.58
CA THR A 121 6.97 0.40 -2.53
C THR A 121 8.31 0.03 -1.89
N GLY A 122 8.86 0.94 -1.07
CA GLY A 122 10.14 0.67 -0.41
C GLY A 122 11.28 0.57 -1.43
N PRO A 123 12.34 -0.19 -1.09
CA PRO A 123 12.55 -0.89 0.16
C PRO A 123 12.94 0.08 1.27
N VAL A 124 13.06 -0.44 2.49
CA VAL A 124 13.37 0.39 3.66
C VAL A 124 14.68 1.18 3.50
N SER A 125 15.74 0.52 3.03
CA SER A 125 17.03 1.17 2.86
C SER A 125 16.92 2.41 1.95
N TYR A 126 16.08 2.32 0.93
CA TYR A 126 15.86 3.42 -0.02
C TYR A 126 15.09 4.58 0.64
N LEU A 127 14.02 4.24 1.35
CA LEU A 127 13.23 5.25 2.06
C LEU A 127 14.09 6.02 3.07
N ILE A 128 14.91 5.30 3.81
CA ILE A 128 15.80 5.92 4.80
C ILE A 128 16.76 6.94 4.16
N ARG A 129 17.37 6.57 3.02
CA ARG A 129 18.32 7.49 2.37
C ARG A 129 17.63 8.72 1.80
N ILE A 130 16.48 8.52 1.17
CA ILE A 130 15.69 9.63 0.63
C ILE A 130 15.26 10.58 1.75
N ARG A 131 14.70 10.00 2.82
CA ARG A 131 14.17 10.79 3.94
C ARG A 131 15.25 11.52 4.72
N ALA A 132 16.43 10.90 4.86
CA ALA A 132 17.57 11.54 5.50
C ALA A 132 18.05 12.75 4.72
N ALA A 133 18.03 12.66 3.39
CA ALA A 133 18.46 13.76 2.52
C ALA A 133 17.50 14.95 2.62
N LEU A 134 16.21 14.65 2.64
CA LEU A 134 15.18 15.69 2.77
C LEU A 134 15.20 16.31 4.16
N LYS A 135 15.44 15.48 5.18
CA LYS A 135 15.55 15.95 6.57
C LYS A 135 16.64 17.02 6.75
N LYS A 136 17.77 16.85 6.07
CA LYS A 136 18.85 17.85 6.08
C LYS A 136 18.37 19.21 5.60
N LYS A 137 17.42 19.22 4.66
CA LYS A 137 16.82 20.47 4.17
C LYS A 137 15.54 20.83 4.91
N ASN A 138 15.42 20.39 6.17
CA ASN A 138 14.27 20.67 7.03
C ASN A 138 12.91 20.19 6.50
N TYR A 139 12.90 19.14 5.69
CA TYR A 139 11.66 18.55 5.21
C TYR A 139 11.43 17.21 5.90
N LYS A 140 10.17 16.80 5.98
CA LYS A 140 9.80 15.48 6.46
C LYS A 140 8.91 14.81 5.42
N LEU A 141 9.35 13.65 4.92
CA LEU A 141 8.58 12.89 3.96
C LEU A 141 8.01 11.64 4.62
N ASN A 142 6.73 11.39 4.35
CA ASN A 142 6.06 10.18 4.81
C ASN A 142 5.03 9.75 3.77
N GLN A 143 4.19 8.78 4.14
CA GLN A 143 3.20 8.22 3.21
C GLN A 143 2.01 9.14 2.92
N TYR A 144 1.93 10.25 3.65
CA TYR A 144 0.81 11.18 3.54
C TYR A 144 1.14 12.45 2.77
N GLY A 145 2.42 12.84 2.74
CA GLY A 145 2.81 14.07 2.07
C GLY A 145 4.24 14.46 2.36
N LEU A 146 4.65 15.59 1.80
CA LEU A 146 5.89 16.25 2.15
C LEU A 146 5.57 17.38 3.12
N PHE A 147 6.27 17.43 4.25
CA PHE A 147 6.02 18.43 5.28
C PHE A 147 7.27 19.26 5.56
N LYS A 148 7.08 20.52 5.94
CA LYS A 148 8.15 21.34 6.51
C LYS A 148 7.58 21.96 7.77
N ASN A 149 8.27 21.77 8.89
CA ASN A 149 7.83 22.30 10.19
C ASN A 149 6.41 21.81 10.56
N GLN A 150 6.15 20.53 10.29
CA GLN A 150 4.85 19.88 10.51
C GLN A 150 3.71 20.43 9.66
N THR A 151 4.02 21.26 8.67
CA THR A 151 3.02 21.84 7.79
C THR A 151 3.16 21.21 6.40
N LEU A 152 2.03 20.81 5.83
CA LEU A 152 2.03 20.20 4.50
C LEU A 152 2.58 21.18 3.47
N VAL A 153 3.47 20.67 2.61
CA VAL A 153 4.04 21.43 1.50
C VAL A 153 3.34 20.97 0.22
N PRO A 154 2.29 21.69 -0.22
CA PRO A 154 1.56 21.22 -1.40
C PRO A 154 2.44 21.25 -2.65
N LEU A 155 2.58 20.10 -3.31
CA LEU A 155 3.38 19.98 -4.53
C LEU A 155 2.47 19.85 -5.73
N LYS A 156 2.87 20.45 -6.84
CA LYS A 156 2.10 20.38 -8.09
C LYS A 156 2.41 19.08 -8.83
N ILE A 157 2.04 17.96 -8.21
CA ILE A 157 2.32 16.63 -8.76
C ILE A 157 1.10 15.72 -8.65
N THR A 158 1.07 14.69 -9.48
CA THR A 158 -0.04 13.73 -9.51
C THR A 158 0.47 12.30 -9.37
N THR A 159 1.53 11.95 -10.09
CA THR A 159 2.06 10.59 -10.13
C THR A 159 3.27 10.42 -9.22
N GLU A 160 3.66 9.16 -8.99
CA GLU A 160 4.87 8.86 -8.22
C GLU A 160 6.11 9.41 -8.93
N LYS A 161 6.16 9.27 -10.25
CA LYS A 161 7.26 9.78 -11.05
C LYS A 161 7.42 11.30 -10.86
N GLU A 162 6.31 12.01 -10.99
CA GLU A 162 6.31 13.46 -10.78
C GLU A 162 6.78 13.84 -9.38
N LEU A 163 6.34 13.08 -8.38
CA LEU A 163 6.77 13.31 -7.00
C LEU A 163 8.28 13.17 -6.86
N ILE A 164 8.82 12.07 -7.36
CA ILE A 164 10.26 11.79 -7.22
C ILE A 164 11.08 12.88 -7.89
N LYS A 165 10.63 13.36 -9.05
CA LYS A 165 11.33 14.43 -9.76
C LYS A 165 11.28 15.74 -8.98
N GLU A 166 10.12 16.06 -8.42
CA GLU A 166 9.95 17.30 -7.65
C GLU A 166 10.77 17.28 -6.36
N LEU A 167 10.92 16.10 -5.77
CA LEU A 167 11.74 15.93 -4.56
C LEU A 167 13.24 16.05 -4.82
N GLY A 168 13.64 16.02 -6.08
CA GLY A 168 15.03 16.25 -6.47
C GLY A 168 15.87 14.98 -6.51
N PHE A 169 15.23 13.85 -6.77
CA PHE A 169 15.93 12.57 -6.88
C PHE A 169 15.79 11.97 -8.27
N THR A 170 16.71 11.06 -8.60
CA THR A 170 16.70 10.36 -9.87
C THR A 170 15.62 9.29 -9.82
N TYR A 171 14.84 9.17 -10.90
CA TYR A 171 13.81 8.14 -10.97
C TYR A 171 14.45 6.78 -11.20
N ARG A 172 13.97 5.79 -10.48
CA ARG A 172 14.39 4.40 -10.65
C ARG A 172 13.18 3.49 -10.63
N ILE A 173 13.17 2.49 -11.50
CA ILE A 173 12.11 1.48 -11.47
C ILE A 173 12.16 0.80 -10.11
N PRO A 174 11.00 0.36 -9.58
CA PRO A 174 10.96 -0.17 -8.23
C PRO A 174 12.01 -1.25 -7.92
N LYS A 175 12.28 -2.12 -8.89
CA LYS A 175 13.23 -3.21 -8.70
C LYS A 175 14.67 -2.73 -8.45
N LYS A 176 14.98 -1.51 -8.88
CA LYS A 176 16.33 -0.95 -8.75
C LYS A 176 16.48 0.08 -7.62
N ARG A 177 15.44 0.26 -6.81
CA ARG A 177 15.53 1.13 -5.65
C ARG A 177 16.18 0.39 -4.49
N LEU A 178 17.17 1.00 -3.87
CA LEU A 178 17.76 0.49 -2.63
C LEU A 178 18.48 1.59 -1.86
MN MN C . 5.77 -6.96 2.03
C FMT D . 8.36 -5.35 1.59
O1 FMT D . 9.01 -4.53 0.97
O2 FMT D . 7.24 -5.81 1.05
P PO4 E . 2.69 0.53 -11.54
O1 PO4 E . 1.43 1.33 -11.27
O2 PO4 E . 3.06 -0.25 -10.29
O3 PO4 E . 3.83 1.47 -11.89
O4 PO4 E . 2.48 -0.44 -12.68
P PO4 F . 0.63 6.42 -10.40
O1 PO4 F . -0.32 6.95 -9.35
O2 PO4 F . 0.82 4.94 -10.22
O3 PO4 F . 1.95 7.13 -10.27
O4 PO4 F . 0.04 6.70 -11.77
#